data_8RCV
#
_entry.id   8RCV
#
_cell.length_a   50.061
_cell.length_b   82.734
_cell.length_c   109.520
_cell.angle_alpha   90.000
_cell.angle_beta   90.000
_cell.angle_gamma   90.000
#
_symmetry.space_group_name_H-M   'P 21 21 21'
#
loop_
_entity.id
_entity.type
_entity.pdbx_description
1 polymer 'HLA class I histocompatibility antigen B alpha chain'
2 polymer Beta-2-microglobulin
3 polymer "Spike protein S2'"
4 non-polymer 1,2-ETHANEDIOL
5 non-polymer 'SODIUM ION'
6 water water
#
loop_
_entity_poly.entity_id
_entity_poly.type
_entity_poly.pdbx_seq_one_letter_code
_entity_poly.pdbx_strand_id
1 'polypeptide(L)'
;MRVTAPRTLLLLLWGAVALTETWAGSHSMRYFYTAMSRPGRGEPRFITVGYVDDTQFVRFDSDATSPRMAPRAPWIEQEG
PEYWDRETQISKTNTQTYRENLRTALRYYNQSEAGSHIIQRMYGCDLGPDGRLLRGHNQLAYDGKDYIALNEDLSSWTAA
DTAAQITQLKWEAARVAEQLRAYLEGECVEWLRRYLENGKETLQRADPPKTHVTHHPISDHEATLRCWALGFYPAEITLT
WQRDGEDQTQDTELVETRPAGDRTFQKWAAVVVPSGEEQRYTCHVQHEGLPKPLTLRWEPSSQSTVPIVGIVAGLAVLAV
VVIGAVVAAVMCRRKSSGGKGGSYSQAACSDSAQGSDVSLTA
;
A
2 'polypeptide(L)'
;MIQRTPKIQVYSRHPAENGKSNFLNCYVSGFHPSDIEVDLLKNGERIEKVEHSDLSFSKDWSFYLLYYTEFTPTEKDEYA
CRVNHVTLSQPKIVKWDRDM
;
B
3 'polypeptide(L)' SVLNDIFSRL C
#
# COMPACT_ATOMS: atom_id res chain seq x y z
N GLY A 25 13.03 4.17 16.40
CA GLY A 25 12.62 5.01 15.30
C GLY A 25 11.20 5.53 15.47
N SER A 26 10.72 6.22 14.44
CA SER A 26 9.34 6.70 14.43
C SER A 26 8.42 5.59 13.93
N HIS A 27 7.16 5.65 14.36
CA HIS A 27 6.22 4.58 14.06
C HIS A 27 4.82 5.17 13.88
N SER A 28 4.00 4.46 13.13
CA SER A 28 2.65 4.92 12.86
C SER A 28 1.68 3.76 12.92
N MET A 29 0.42 4.05 13.28
CA MET A 29 -0.67 3.08 13.14
C MET A 29 -1.69 3.70 12.20
N ARG A 30 -2.26 2.88 11.32
CA ARG A 30 -3.30 3.37 10.42
C ARG A 30 -4.39 2.33 10.29
N TYR A 31 -5.63 2.81 10.23
CA TYR A 31 -6.71 1.95 9.78
C TYR A 31 -7.21 2.49 8.45
N PHE A 32 -7.52 1.57 7.55
CA PHE A 32 -7.98 1.86 6.19
C PHE A 32 -9.33 1.21 5.98
N TYR A 33 -10.36 2.02 5.66
CA TYR A 33 -11.69 1.47 5.35
C TYR A 33 -11.99 1.68 3.86
N THR A 34 -12.60 0.67 3.22
CA THR A 34 -13.03 0.83 1.83
C THR A 34 -14.42 0.25 1.71
N ALA A 35 -15.35 1.00 1.07
CA ALA A 35 -16.69 0.49 0.80
C ALA A 35 -16.95 0.64 -0.70
N MET A 36 -17.32 -0.46 -1.35
CA MET A 36 -17.39 -0.47 -2.81
C MET A 36 -18.77 -0.96 -3.26
N SER A 37 -19.59 -0.09 -3.84
CA SER A 37 -20.88 -0.58 -4.34
C SER A 37 -20.72 -1.33 -5.65
N ARG A 38 -21.76 -2.11 -5.97
CA ARG A 38 -21.73 -3.01 -7.10
C ARG A 38 -23.17 -3.36 -7.46
N PRO A 39 -23.93 -2.41 -7.98
CA PRO A 39 -25.36 -2.66 -8.21
C PRO A 39 -25.62 -3.85 -9.12
N GLY A 40 -26.59 -4.66 -8.70
CA GLY A 40 -26.88 -5.90 -9.39
C GLY A 40 -26.09 -7.08 -8.90
N ARG A 41 -25.11 -6.86 -8.03
CA ARG A 41 -24.24 -7.91 -7.52
C ARG A 41 -24.18 -7.88 -6.01
N GLY A 42 -25.32 -7.58 -5.37
CA GLY A 42 -25.40 -7.60 -3.91
C GLY A 42 -25.14 -6.24 -3.30
N GLU A 43 -24.93 -6.25 -1.97
CA GLU A 43 -24.70 -5.03 -1.23
C GLU A 43 -23.23 -4.64 -1.31
N PRO A 44 -22.90 -3.37 -1.05
CA PRO A 44 -21.50 -2.95 -1.16
C PRO A 44 -20.56 -3.72 -0.23
N ARG A 45 -19.41 -4.11 -0.78
CA ARG A 45 -18.37 -4.78 0.00
C ARG A 45 -17.70 -3.76 0.92
N PHE A 46 -17.50 -4.13 2.19
CA PHE A 46 -16.79 -3.28 3.16
C PHE A 46 -15.58 -4.04 3.68
N ILE A 47 -14.41 -3.40 3.63
CA ILE A 47 -13.17 -3.99 4.15
C ILE A 47 -12.52 -3.02 5.11
N THR A 48 -11.87 -3.56 6.13
CA THR A 48 -11.03 -2.79 7.01
C THR A 48 -9.69 -3.47 7.09
N VAL A 49 -8.59 -2.71 7.01
CA VAL A 49 -7.26 -3.27 7.26
C VAL A 49 -6.55 -2.34 8.24
N GLY A 50 -5.84 -2.92 9.20
CA GLY A 50 -5.02 -2.16 10.13
C GLY A 50 -3.55 -2.42 9.85
N TYR A 51 -2.73 -1.36 9.97
CA TYR A 51 -1.29 -1.41 9.76
C TYR A 51 -0.54 -0.79 10.95
N VAL A 52 0.61 -1.37 11.31
CA VAL A 52 1.64 -0.64 12.03
C VAL A 52 2.79 -0.49 11.06
N ASP A 53 3.16 0.76 10.73
CA ASP A 53 4.15 1.03 9.68
C ASP A 53 3.74 0.26 8.43
N ASP A 54 4.62 -0.56 7.85
CA ASP A 54 4.31 -1.34 6.65
C ASP A 54 3.92 -2.78 6.96
N THR A 55 3.42 -3.06 8.16
CA THR A 55 3.02 -4.40 8.56
C THR A 55 1.52 -4.42 8.80
N GLN A 56 0.82 -5.18 7.97
CA GLN A 56 -0.61 -5.38 8.18
C GLN A 56 -0.81 -6.31 9.37
N PHE A 57 -1.77 -5.97 10.23
CA PHE A 57 -1.96 -6.82 11.40
C PHE A 57 -3.39 -7.26 11.67
N VAL A 58 -4.42 -6.61 11.08
CA VAL A 58 -5.79 -7.12 11.19
C VAL A 58 -6.52 -6.87 9.87
N ARG A 59 -7.53 -7.71 9.59
CA ARG A 59 -8.38 -7.51 8.42
C ARG A 59 -9.81 -7.92 8.74
N PHE A 60 -10.76 -7.16 8.18
CA PHE A 60 -12.19 -7.45 8.19
C PHE A 60 -12.68 -7.41 6.75
N ASP A 61 -13.55 -8.33 6.36
CA ASP A 61 -14.08 -8.28 5.00
C ASP A 61 -15.52 -8.77 5.02
N SER A 62 -16.45 -7.92 4.58
CA SER A 62 -17.86 -8.33 4.59
C SER A 62 -18.14 -9.50 3.66
N ASP A 63 -17.28 -9.77 2.68
CA ASP A 63 -17.42 -10.89 1.75
C ASP A 63 -16.84 -12.19 2.29
N ALA A 64 -16.18 -12.16 3.44
CA ALA A 64 -15.71 -13.40 4.05
C ALA A 64 -16.91 -14.28 4.44
N THR A 65 -16.67 -15.60 4.47
CA THR A 65 -17.73 -16.55 4.80
C THR A 65 -18.40 -16.23 6.13
N SER A 66 -17.58 -15.97 7.16
CA SER A 66 -18.08 -15.48 8.45
C SER A 66 -17.29 -14.22 8.80
N PRO A 67 -17.83 -13.03 8.51
CA PRO A 67 -17.04 -11.81 8.72
C PRO A 67 -16.67 -11.61 10.17
N ARG A 68 -15.39 -11.46 10.43
N ARG A 68 -15.37 -11.47 10.40
CA ARG A 68 -14.91 -11.08 11.76
CA ARG A 68 -14.76 -11.24 11.70
C ARG A 68 -13.56 -10.42 11.57
C ARG A 68 -13.58 -10.30 11.48
N MET A 69 -13.22 -9.52 12.49
CA MET A 69 -11.87 -8.96 12.47
C MET A 69 -10.91 -10.11 12.77
N ALA A 70 -9.92 -10.29 11.90
CA ALA A 70 -9.05 -11.45 11.99
C ALA A 70 -7.59 -11.04 12.06
N PRO A 71 -6.77 -11.80 12.77
CA PRO A 71 -5.34 -11.47 12.89
C PRO A 71 -4.59 -11.73 11.60
N ARG A 72 -3.61 -10.86 11.34
CA ARG A 72 -2.76 -11.01 10.17
C ARG A 72 -1.29 -10.92 10.52
N ALA A 73 -0.96 -10.83 11.81
CA ALA A 73 0.44 -10.82 12.25
C ALA A 73 0.51 -11.59 13.56
N PRO A 74 1.59 -12.33 13.81
CA PRO A 74 1.58 -13.22 14.99
C PRO A 74 1.44 -12.49 16.30
N TRP A 75 1.95 -11.26 16.42
CA TRP A 75 1.97 -10.58 17.71
C TRP A 75 0.61 -10.05 18.14
N ILE A 76 -0.40 -10.03 17.25
CA ILE A 76 -1.74 -9.63 17.67
C ILE A 76 -2.58 -10.82 18.12
N GLU A 77 -2.12 -12.05 17.86
CA GLU A 77 -2.92 -13.24 18.16
C GLU A 77 -3.21 -13.42 19.65
N GLN A 78 -2.40 -12.84 20.52
CA GLN A 78 -2.56 -12.96 21.97
C GLN A 78 -3.62 -12.04 22.55
N GLU A 79 -4.19 -11.13 21.76
CA GLU A 79 -5.33 -10.40 22.27
C GLU A 79 -6.48 -11.37 22.51
N GLY A 80 -7.20 -11.16 23.61
CA GLY A 80 -8.24 -12.06 24.04
C GLY A 80 -9.51 -11.97 23.22
N PRO A 81 -10.46 -12.87 23.50
CA PRO A 81 -11.71 -12.88 22.72
C PRO A 81 -12.52 -11.61 22.85
N GLU A 82 -12.42 -10.89 23.95
CA GLU A 82 -13.13 -9.62 24.06
C GLU A 82 -12.58 -8.60 23.06
N TYR A 83 -11.28 -8.65 22.79
CA TYR A 83 -10.69 -7.75 21.79
C TYR A 83 -11.31 -8.04 20.43
N TRP A 84 -11.35 -9.32 20.04
CA TRP A 84 -11.84 -9.67 18.71
C TRP A 84 -13.32 -9.43 18.59
N ASP A 85 -14.09 -9.68 19.66
CA ASP A 85 -15.51 -9.38 19.61
C ASP A 85 -15.78 -7.89 19.40
N ARG A 86 -15.04 -7.02 20.08
CA ARG A 86 -15.27 -5.59 19.94
C ARG A 86 -14.89 -5.12 18.53
N GLU A 87 -13.69 -5.47 18.08
CA GLU A 87 -13.28 -5.08 16.73
C GLU A 87 -14.28 -5.56 15.68
N THR A 88 -14.84 -6.77 15.88
CA THR A 88 -15.79 -7.32 14.91
C THR A 88 -17.11 -6.57 14.94
N GLN A 89 -17.66 -6.33 16.14
N GLN A 89 -17.65 -6.35 16.14
CA GLN A 89 -18.95 -5.65 16.22
CA GLN A 89 -18.92 -5.64 16.28
C GLN A 89 -18.87 -4.23 15.66
C GLN A 89 -18.86 -4.25 15.67
N ILE A 90 -17.74 -3.54 15.88
CA ILE A 90 -17.61 -2.20 15.33
C ILE A 90 -17.54 -2.27 13.81
N SER A 91 -16.81 -3.26 13.29
CA SER A 91 -16.68 -3.40 11.85
C SER A 91 -18.00 -3.76 11.20
N LYS A 92 -18.82 -4.59 11.86
CA LYS A 92 -20.15 -4.88 11.31
C LYS A 92 -21.03 -3.64 11.32
N THR A 93 -20.95 -2.83 12.39
CA THR A 93 -21.68 -1.55 12.39
C THR A 93 -21.19 -0.67 11.25
N ASN A 94 -19.86 -0.62 11.06
CA ASN A 94 -19.31 0.21 10.00
C ASN A 94 -19.72 -0.27 8.61
N THR A 95 -19.85 -1.59 8.40
CA THR A 95 -20.40 -2.09 7.14
C THR A 95 -21.73 -1.41 6.83
N GLN A 96 -22.62 -1.35 7.80
CA GLN A 96 -23.91 -0.74 7.56
C GLN A 96 -23.78 0.78 7.39
N THR A 97 -22.97 1.43 8.22
N THR A 97 -22.98 1.46 8.23
CA THR A 97 -22.81 2.88 8.14
CA THR A 97 -22.88 2.91 8.08
C THR A 97 -22.30 3.29 6.76
C THR A 97 -22.32 3.29 6.73
N TYR A 98 -21.30 2.58 6.26
CA TYR A 98 -20.69 2.98 5.00
C TYR A 98 -21.56 2.60 3.81
N ARG A 99 -22.42 1.59 3.94
CA ARG A 99 -23.43 1.37 2.91
C ARG A 99 -24.43 2.53 2.86
N GLU A 100 -24.81 3.05 4.04
CA GLU A 100 -25.66 4.24 4.07
C GLU A 100 -24.91 5.44 3.50
N ASN A 101 -23.62 5.55 3.81
CA ASN A 101 -22.84 6.68 3.31
C ASN A 101 -22.77 6.67 1.80
N LEU A 102 -22.65 5.47 1.19
CA LEU A 102 -22.66 5.37 -0.28
C LEU A 102 -24.00 5.83 -0.85
N ARG A 103 -25.12 5.52 -0.19
CA ARG A 103 -26.41 6.06 -0.65
C ARG A 103 -26.46 7.58 -0.53
N THR A 104 -25.91 8.10 0.55
CA THR A 104 -25.86 9.56 0.75
C THR A 104 -25.00 10.20 -0.32
N ALA A 105 -23.87 9.58 -0.65
CA ALA A 105 -22.99 10.18 -1.65
C ALA A 105 -23.68 10.26 -3.01
N LEU A 106 -24.51 9.28 -3.38
CA LEU A 106 -25.26 9.41 -4.63
C LEU A 106 -26.11 10.67 -4.63
N ARG A 107 -26.78 10.94 -3.52
CA ARG A 107 -27.63 12.13 -3.44
C ARG A 107 -26.77 13.40 -3.53
N TYR A 108 -25.58 13.39 -2.90
CA TYR A 108 -24.72 14.57 -2.87
C TYR A 108 -24.12 14.91 -4.22
N TYR A 109 -24.03 13.94 -5.13
CA TYR A 109 -23.43 14.17 -6.44
C TYR A 109 -24.41 13.95 -7.56
N ASN A 110 -25.69 13.80 -7.25
CA ASN A 110 -26.74 13.66 -8.25
C ASN A 110 -26.49 12.47 -9.17
N GLN A 111 -26.04 11.37 -8.57
CA GLN A 111 -25.70 10.15 -9.29
C GLN A 111 -26.82 9.11 -9.18
N SER A 112 -26.91 8.26 -10.19
CA SER A 112 -27.95 7.26 -10.20
C SER A 112 -27.50 6.00 -9.47
N GLU A 113 -28.48 5.14 -9.22
CA GLU A 113 -28.21 3.88 -8.54
C GLU A 113 -27.59 2.84 -9.45
N ALA A 114 -27.27 3.16 -10.71
CA ALA A 114 -26.76 2.13 -11.61
C ALA A 114 -25.24 1.96 -11.56
N GLY A 115 -24.51 2.98 -11.13
CA GLY A 115 -23.06 2.91 -11.18
C GLY A 115 -22.42 2.39 -9.89
N SER A 116 -21.17 1.98 -10.00
CA SER A 116 -20.38 1.52 -8.86
CA SER A 116 -20.36 1.52 -8.88
C SER A 116 -19.51 2.67 -8.35
N HIS A 117 -19.47 2.84 -7.03
CA HIS A 117 -18.74 3.93 -6.41
C HIS A 117 -18.00 3.42 -5.20
N ILE A 118 -17.01 4.21 -4.75
CA ILE A 118 -16.12 3.78 -3.67
C ILE A 118 -15.92 4.91 -2.66
N ILE A 119 -16.08 4.61 -1.38
CA ILE A 119 -15.68 5.51 -0.30
C ILE A 119 -14.46 4.91 0.39
N GLN A 120 -13.46 5.74 0.66
CA GLN A 120 -12.26 5.29 1.35
C GLN A 120 -12.03 6.19 2.55
N ARG A 121 -11.52 5.61 3.64
CA ARG A 121 -11.17 6.39 4.83
C ARG A 121 -9.82 5.89 5.36
N MET A 122 -8.98 6.83 5.84
N MET A 122 -8.98 6.82 5.82
CA MET A 122 -7.75 6.53 6.56
CA MET A 122 -7.80 6.45 6.59
C MET A 122 -7.72 7.32 7.86
C MET A 122 -7.80 7.27 7.88
N TYR A 123 -7.32 6.67 8.96
CA TYR A 123 -7.09 7.43 10.18
C TYR A 123 -6.02 6.75 11.01
N GLY A 124 -5.38 7.51 11.89
CA GLY A 124 -4.41 6.93 12.80
C GLY A 124 -3.41 7.96 13.28
N CYS A 125 -2.37 7.46 13.95
CA CYS A 125 -1.47 8.33 14.68
C CYS A 125 -0.02 8.04 14.31
N ASP A 126 0.81 9.09 14.40
CA ASP A 126 2.25 9.00 14.15
C ASP A 126 2.97 9.34 15.44
N LEU A 127 3.92 8.49 15.83
CA LEU A 127 4.76 8.71 17.01
C LEU A 127 6.18 9.06 16.60
N GLY A 128 6.82 9.92 17.40
CA GLY A 128 8.23 10.17 17.21
C GLY A 128 9.11 9.14 17.91
N PRO A 129 10.43 9.31 17.74
CA PRO A 129 11.40 8.40 18.39
C PRO A 129 11.19 8.18 19.88
N ASP A 130 10.69 9.18 20.59
CA ASP A 130 10.46 9.06 22.03
C ASP A 130 9.13 8.41 22.37
N GLY A 131 8.33 8.04 21.37
CA GLY A 131 7.03 7.46 21.64
C GLY A 131 5.95 8.48 21.89
N ARG A 132 6.24 9.76 21.74
CA ARG A 132 5.22 10.78 21.88
C ARG A 132 4.54 11.05 20.53
N LEU A 133 3.29 11.45 20.61
CA LEU A 133 2.50 11.79 19.43
C LEU A 133 3.15 12.90 18.61
N LEU A 134 3.38 12.61 17.33
CA LEU A 134 3.79 13.63 16.37
C LEU A 134 2.56 14.30 15.77
N ARG A 135 1.64 13.50 15.22
CA ARG A 135 0.40 14.08 14.70
C ARG A 135 -0.62 12.96 14.47
N GLY A 136 -1.88 13.37 14.30
CA GLY A 136 -2.97 12.46 13.98
C GLY A 136 -3.56 12.73 12.61
N HIS A 137 -4.38 11.78 12.14
CA HIS A 137 -4.95 11.82 10.78
C HIS A 137 -6.36 11.25 10.77
N ASN A 138 -7.23 11.84 9.92
CA ASN A 138 -8.53 11.25 9.62
C ASN A 138 -9.01 11.90 8.32
N GLN A 139 -9.01 11.13 7.24
CA GLN A 139 -9.32 11.68 5.93
C GLN A 139 -10.21 10.71 5.16
N LEU A 140 -11.03 11.27 4.25
CA LEU A 140 -11.89 10.44 3.40
C LEU A 140 -11.77 10.87 1.95
N ALA A 141 -12.07 9.93 1.05
CA ALA A 141 -12.15 10.12 -0.38
C ALA A 141 -13.42 9.49 -0.93
N TYR A 142 -13.93 10.05 -2.01
CA TYR A 142 -15.04 9.45 -2.75
C TYR A 142 -14.63 9.34 -4.20
N ASP A 143 -14.79 8.14 -4.73
CA ASP A 143 -14.38 7.79 -6.08
C ASP A 143 -12.93 8.22 -6.35
N GLY A 144 -12.08 8.04 -5.34
CA GLY A 144 -10.65 8.26 -5.47
C GLY A 144 -10.21 9.70 -5.41
N LYS A 145 -11.14 10.62 -5.18
CA LYS A 145 -10.87 12.05 -5.01
C LYS A 145 -11.02 12.43 -3.54
N ASP A 146 -10.12 13.28 -3.05
CA ASP A 146 -10.26 13.77 -1.68
C ASP A 146 -11.63 14.38 -1.46
N TYR A 147 -12.20 14.03 -0.32
CA TYR A 147 -13.53 14.48 0.09
C TYR A 147 -13.46 15.40 1.30
N ILE A 148 -12.97 14.93 2.45
CA ILE A 148 -12.84 15.80 3.63
C ILE A 148 -11.64 15.31 4.42
N ALA A 149 -11.01 16.20 5.18
CA ALA A 149 -9.89 15.82 6.03
C ALA A 149 -9.95 16.59 7.34
N LEU A 150 -9.62 15.91 8.43
CA LEU A 150 -9.34 16.57 9.71
C LEU A 150 -8.00 17.30 9.60
N ASN A 151 -8.00 18.59 9.95
CA ASN A 151 -6.75 19.35 9.94
C ASN A 151 -5.81 18.89 11.05
N GLU A 152 -4.54 19.27 10.92
CA GLU A 152 -3.55 18.81 11.89
C GLU A 152 -3.87 19.28 13.30
N ASP A 153 -4.63 20.37 13.45
CA ASP A 153 -5.03 20.81 14.79
C ASP A 153 -5.98 19.84 15.49
N LEU A 154 -6.51 18.85 14.76
CA LEU A 154 -7.47 17.88 15.28
C LEU A 154 -8.71 18.58 15.83
N SER A 155 -9.04 19.73 15.24
CA SER A 155 -10.19 20.48 15.71
CA SER A 155 -10.15 20.55 15.72
C SER A 155 -11.01 21.13 14.61
N SER A 156 -10.51 21.20 13.38
CA SER A 156 -11.20 21.84 12.28
C SER A 156 -11.06 20.96 11.05
N TRP A 157 -11.89 21.21 10.02
CA TRP A 157 -11.99 20.38 8.83
C TRP A 157 -11.65 21.17 7.56
N THR A 158 -11.13 20.46 6.56
CA THR A 158 -11.03 20.96 5.19
C THR A 158 -11.88 20.10 4.26
N ALA A 159 -12.90 20.73 3.66
CA ALA A 159 -13.80 20.09 2.70
C ALA A 159 -13.33 20.39 1.28
N ALA A 160 -13.32 19.36 0.43
CA ALA A 160 -12.81 19.51 -0.92
C ALA A 160 -13.81 20.13 -1.88
N ASP A 161 -15.11 20.04 -1.60
CA ASP A 161 -16.12 20.49 -2.57
C ASP A 161 -17.40 20.81 -1.80
N THR A 162 -18.45 21.23 -2.54
CA THR A 162 -19.67 21.67 -1.86
C THR A 162 -20.41 20.50 -1.20
N ALA A 163 -20.23 19.28 -1.70
CA ALA A 163 -20.81 18.12 -1.04
C ALA A 163 -20.15 17.89 0.31
N ALA A 164 -18.82 17.90 0.34
CA ALA A 164 -18.13 17.70 1.61
C ALA A 164 -18.44 18.82 2.59
N GLN A 165 -18.78 20.02 2.10
CA GLN A 165 -19.18 21.08 3.02
C GLN A 165 -20.44 20.68 3.80
N ILE A 166 -21.35 19.92 3.18
CA ILE A 166 -22.55 19.46 3.87
C ILE A 166 -22.18 18.52 5.01
N THR A 167 -21.28 17.57 4.74
CA THR A 167 -20.78 16.69 5.79
C THR A 167 -20.07 17.49 6.87
N GLN A 168 -19.26 18.48 6.47
CA GLN A 168 -18.53 19.29 7.45
C GLN A 168 -19.48 19.96 8.43
N LEU A 169 -20.58 20.52 7.92
CA LEU A 169 -21.57 21.11 8.81
C LEU A 169 -22.13 20.07 9.78
N LYS A 170 -22.43 18.86 9.28
CA LYS A 170 -22.94 17.82 10.17
C LYS A 170 -21.91 17.46 11.23
N TRP A 171 -20.64 17.37 10.83
CA TRP A 171 -19.63 16.92 11.77
C TRP A 171 -19.28 18.01 12.77
N GLU A 172 -19.35 19.29 12.37
CA GLU A 172 -19.23 20.37 13.34
C GLU A 172 -20.37 20.32 14.34
N ALA A 173 -21.60 20.08 13.86
CA ALA A 173 -22.73 20.04 14.78
C ALA A 173 -22.62 18.88 15.77
N ALA A 174 -22.04 17.77 15.35
CA ALA A 174 -21.95 16.58 16.18
C ALA A 174 -20.64 16.50 16.96
N ARG A 175 -19.77 17.50 16.85
CA ARG A 175 -18.49 17.55 17.56
C ARG A 175 -17.67 16.29 17.29
N VAL A 176 -17.63 15.90 16.01
CA VAL A 176 -16.88 14.73 15.60
C VAL A 176 -15.39 14.93 15.82
N ALA A 177 -14.89 16.15 15.54
CA ALA A 177 -13.46 16.42 15.67
C ALA A 177 -13.00 16.19 17.09
N GLU A 178 -13.83 16.56 18.07
CA GLU A 178 -13.45 16.38 19.47
C GLU A 178 -13.31 14.91 19.80
N GLN A 179 -14.18 14.06 19.24
CA GLN A 179 -14.08 12.64 19.48
C GLN A 179 -12.82 12.07 18.84
N LEU A 180 -12.52 12.51 17.62
CA LEU A 180 -11.32 12.01 16.96
CA LEU A 180 -11.32 12.02 16.94
C LEU A 180 -10.07 12.46 17.69
N ARG A 181 -10.04 13.71 18.18
CA ARG A 181 -8.90 14.19 18.94
C ARG A 181 -8.64 13.32 20.15
N ALA A 182 -9.69 12.99 20.88
CA ALA A 182 -9.52 12.20 22.10
C ALA A 182 -8.98 10.81 21.77
N TYR A 183 -9.49 10.21 20.68
CA TYR A 183 -8.99 8.91 20.24
C TYR A 183 -7.54 9.01 19.79
N LEU A 184 -7.24 9.99 18.92
CA LEU A 184 -5.92 10.02 18.31
C LEU A 184 -4.82 10.31 19.32
N GLU A 185 -5.11 11.15 20.33
CA GLU A 185 -4.14 11.49 21.36
C GLU A 185 -4.08 10.45 22.47
N GLY A 186 -5.13 9.63 22.61
CA GLY A 186 -5.27 8.71 23.72
C GLY A 186 -5.17 7.26 23.28
N GLU A 187 -6.31 6.65 22.98
CA GLU A 187 -6.37 5.22 22.66
C GLU A 187 -5.44 4.86 21.50
N CYS A 188 -5.40 5.69 20.45
CA CYS A 188 -4.57 5.34 19.29
C CYS A 188 -3.11 5.17 19.72
N VAL A 189 -2.59 6.14 20.47
CA VAL A 189 -1.19 6.11 20.94
C VAL A 189 -0.98 4.93 21.89
N GLU A 190 -1.92 4.71 22.81
CA GLU A 190 -1.77 3.65 23.80
C GLU A 190 -1.78 2.27 23.18
N TRP A 191 -2.69 2.03 22.24
CA TRP A 191 -2.67 0.74 21.57
C TRP A 191 -1.44 0.58 20.68
N LEU A 192 -1.04 1.63 19.97
CA LEU A 192 0.16 1.52 19.14
C LEU A 192 1.38 1.17 19.99
N ARG A 193 1.53 1.80 21.16
CA ARG A 193 2.67 1.46 22.03
C ARG A 193 2.58 0.02 22.50
N ARG A 194 1.37 -0.46 22.80
CA ARG A 194 1.21 -1.87 23.16
C ARG A 194 1.62 -2.80 22.00
N TYR A 195 1.14 -2.52 20.79
CA TYR A 195 1.50 -3.36 19.67
C TYR A 195 2.99 -3.35 19.42
N LEU A 196 3.61 -2.17 19.55
CA LEU A 196 5.05 -2.07 19.32
C LEU A 196 5.82 -2.94 20.31
N GLU A 197 5.34 -3.01 21.56
CA GLU A 197 6.03 -3.83 22.54
C GLU A 197 5.79 -5.31 22.29
N ASN A 198 4.55 -5.70 21.98
CA ASN A 198 4.31 -7.12 21.70
C ASN A 198 5.01 -7.56 20.42
N GLY A 199 5.18 -6.66 19.46
CA GLY A 199 5.89 -7.01 18.24
C GLY A 199 7.29 -6.42 18.17
N LYS A 200 7.97 -6.30 19.31
CA LYS A 200 9.22 -5.56 19.32
C LYS A 200 10.33 -6.25 18.52
N GLU A 201 10.23 -7.56 18.29
CA GLU A 201 11.27 -8.23 17.51
C GLU A 201 11.21 -7.89 16.02
N THR A 202 10.07 -7.42 15.54
CA THR A 202 9.87 -7.18 14.12
C THR A 202 9.45 -5.74 13.86
N LEU A 203 8.41 -5.25 14.55
CA LEU A 203 7.97 -3.87 14.34
C LEU A 203 9.07 -2.86 14.66
N GLN A 204 9.89 -3.14 15.69
CA GLN A 204 10.94 -2.22 16.12
C GLN A 204 12.32 -2.64 15.56
N ARG A 205 12.35 -3.36 14.45
CA ARG A 205 13.59 -3.77 13.80
C ARG A 205 13.57 -3.26 12.38
N ALA A 206 14.52 -2.39 12.03
CA ALA A 206 14.69 -1.99 10.64
C ALA A 206 15.70 -2.91 9.98
N ASP A 207 15.37 -3.40 8.79
CA ASP A 207 16.28 -4.22 8.01
C ASP A 207 16.90 -3.36 6.93
N PRO A 208 18.22 -3.16 6.90
CA PRO A 208 18.81 -2.27 5.91
C PRO A 208 18.77 -2.91 4.53
N PRO A 209 18.86 -2.10 3.48
CA PRO A 209 18.90 -2.68 2.14
C PRO A 209 20.23 -3.38 1.88
N LYS A 210 20.13 -4.49 1.15
CA LYS A 210 21.30 -5.12 0.55
C LYS A 210 21.46 -4.49 -0.83
N THR A 211 22.61 -3.88 -1.08
CA THR A 211 22.76 -3.04 -2.27
C THR A 211 23.85 -3.56 -3.19
N HIS A 212 23.64 -3.39 -4.49
CA HIS A 212 24.66 -3.76 -5.48
C HIS A 212 24.32 -3.08 -6.80
N VAL A 213 25.32 -2.94 -7.66
CA VAL A 213 25.14 -2.33 -8.97
C VAL A 213 25.34 -3.42 -10.02
N THR A 214 24.40 -3.54 -10.94
CA THR A 214 24.55 -4.42 -12.10
C THR A 214 24.72 -3.61 -13.37
N HIS A 215 25.28 -4.26 -14.40
CA HIS A 215 25.69 -3.60 -15.64
C HIS A 215 25.06 -4.35 -16.80
N HIS A 216 24.32 -3.64 -17.64
CA HIS A 216 23.57 -4.27 -18.74
C HIS A 216 23.84 -3.55 -20.06
N PRO A 217 24.76 -4.06 -20.89
CA PRO A 217 25.01 -3.44 -22.20
C PRO A 217 23.73 -3.31 -23.01
N ILE A 218 23.52 -2.13 -23.58
CA ILE A 218 22.44 -1.86 -24.51
C ILE A 218 22.93 -1.98 -25.94
N SER A 219 24.12 -1.50 -26.18
CA SER A 219 24.72 -1.42 -27.50
C SER A 219 26.22 -1.36 -27.28
N ASP A 220 26.95 -1.23 -28.38
CA ASP A 220 28.37 -0.97 -28.26
C ASP A 220 28.65 0.37 -27.60
N HIS A 221 27.65 1.28 -27.55
CA HIS A 221 27.87 2.66 -27.19
C HIS A 221 27.44 2.98 -25.77
N GLU A 222 26.55 2.18 -25.18
CA GLU A 222 25.92 2.53 -23.91
C GLU A 222 25.60 1.27 -23.14
N ALA A 223 25.49 1.42 -21.82
CA ALA A 223 25.01 0.35 -20.97
C ALA A 223 24.15 0.96 -19.87
N THR A 224 23.26 0.12 -19.34
CA THR A 224 22.47 0.49 -18.17
C THR A 224 23.25 0.11 -16.91
N LEU A 225 23.39 1.05 -15.99
CA LEU A 225 23.79 0.73 -14.64
C LEU A 225 22.53 0.74 -13.78
N ARG A 226 22.28 -0.37 -13.08
CA ARG A 226 21.08 -0.48 -12.26
C ARG A 226 21.52 -0.68 -10.82
N CYS A 227 21.10 0.23 -9.95
CA CYS A 227 21.44 0.18 -8.53
C CYS A 227 20.27 -0.46 -7.79
N TRP A 228 20.52 -1.60 -7.14
CA TRP A 228 19.50 -2.40 -6.47
C TRP A 228 19.54 -2.17 -4.96
N ALA A 229 18.37 -2.07 -4.35
CA ALA A 229 18.19 -2.17 -2.90
C ALA A 229 17.19 -3.30 -2.64
N LEU A 230 17.61 -4.31 -1.87
CA LEU A 230 16.80 -5.51 -1.67
C LEU A 230 16.70 -5.83 -0.19
N GLY A 231 15.61 -6.48 0.20
CA GLY A 231 15.47 -6.98 1.57
C GLY A 231 15.29 -5.96 2.67
N PHE A 232 14.79 -4.75 2.38
CA PHE A 232 14.74 -3.72 3.41
C PHE A 232 13.34 -3.54 3.99
N TYR A 233 13.32 -3.02 5.23
CA TYR A 233 12.08 -2.76 5.98
C TYR A 233 12.42 -1.64 6.96
N PRO A 234 11.59 -0.59 7.06
CA PRO A 234 10.32 -0.38 6.36
C PRO A 234 10.54 0.08 4.92
N ALA A 235 9.47 0.44 4.22
CA ALA A 235 9.54 0.67 2.77
C ALA A 235 10.24 1.97 2.42
N GLU A 236 10.19 2.96 3.30
CA GLU A 236 10.73 4.29 3.00
C GLU A 236 12.22 4.18 2.70
N ILE A 237 12.64 4.70 1.56
CA ILE A 237 14.05 4.64 1.16
C ILE A 237 14.29 5.78 0.18
N THR A 238 15.56 6.16 0.02
CA THR A 238 15.97 7.13 -1.00
C THR A 238 17.10 6.49 -1.82
N LEU A 239 16.94 6.49 -3.14
CA LEU A 239 17.87 5.82 -4.04
C LEU A 239 18.11 6.75 -5.23
N THR A 240 19.34 7.23 -5.40
CA THR A 240 19.62 8.20 -6.45
C THR A 240 20.95 7.89 -7.12
N TRP A 241 21.12 8.42 -8.33
CA TRP A 241 22.39 8.36 -9.06
C TRP A 241 22.97 9.76 -9.19
N GLN A 242 24.30 9.85 -9.11
CA GLN A 242 25.05 11.05 -9.43
C GLN A 242 26.05 10.73 -10.52
N ARG A 243 26.33 11.72 -11.38
CA ARG A 243 27.43 11.67 -12.36
C ARG A 243 28.37 12.83 -12.03
N ASP A 244 29.63 12.51 -11.71
CA ASP A 244 30.59 13.55 -11.33
C ASP A 244 30.06 14.35 -10.16
N GLY A 245 29.31 13.70 -9.27
CA GLY A 245 28.76 14.36 -8.10
C GLY A 245 27.52 15.20 -8.32
N GLU A 246 26.93 15.19 -9.52
CA GLU A 246 25.73 15.95 -9.85
CA GLU A 246 25.73 15.95 -9.80
C GLU A 246 24.54 15.00 -9.92
N ASP A 247 23.43 15.36 -9.27
CA ASP A 247 22.24 14.51 -9.29
C ASP A 247 21.75 14.31 -10.72
N GLN A 248 21.24 13.10 -11.00
CA GLN A 248 20.79 12.68 -12.31
C GLN A 248 19.29 12.39 -12.31
N THR A 249 18.54 13.15 -11.51
CA THR A 249 17.12 12.85 -11.29
C THR A 249 16.37 12.74 -12.60
N GLN A 250 16.54 13.72 -13.49
CA GLN A 250 15.71 13.70 -14.69
C GLN A 250 16.12 12.63 -15.67
N ASP A 251 17.30 12.04 -15.53
CA ASP A 251 17.79 10.98 -16.42
C ASP A 251 17.80 9.61 -15.76
N THR A 252 17.21 9.48 -14.57
CA THR A 252 17.18 8.21 -13.84
C THR A 252 15.81 7.53 -14.00
N GLU A 253 15.81 6.23 -14.33
CA GLU A 253 14.58 5.44 -14.25
C GLU A 253 14.50 4.85 -12.84
N LEU A 254 13.43 5.21 -12.11
CA LEU A 254 13.28 4.83 -10.71
C LEU A 254 11.94 4.10 -10.56
N VAL A 255 11.98 2.77 -10.29
CA VAL A 255 10.71 2.03 -10.16
C VAL A 255 10.10 2.28 -8.78
N GLU A 256 8.79 2.07 -8.71
CA GLU A 256 8.09 2.12 -7.44
C GLU A 256 8.62 1.05 -6.47
N THR A 257 8.80 1.45 -5.21
CA THR A 257 9.13 0.46 -4.19
C THR A 257 8.08 -0.63 -4.15
N ARG A 258 8.55 -1.88 -4.06
CA ARG A 258 7.67 -3.03 -4.29
C ARG A 258 7.87 -4.12 -3.25
N PRO A 259 6.81 -4.82 -2.85
CA PRO A 259 6.95 -5.82 -1.79
C PRO A 259 7.55 -7.12 -2.31
N ALA A 260 8.48 -7.69 -1.54
CA ALA A 260 9.06 -8.98 -1.90
C ALA A 260 8.16 -10.16 -1.54
N GLY A 261 7.25 -10.00 -0.58
CA GLY A 261 6.43 -11.09 -0.11
C GLY A 261 6.88 -11.70 1.19
N ASP A 262 8.05 -11.31 1.69
CA ASP A 262 8.59 -11.80 2.95
C ASP A 262 8.63 -10.71 4.02
N ARG A 263 7.81 -9.65 3.86
CA ARG A 263 7.69 -8.43 4.66
C ARG A 263 8.59 -7.31 4.14
N THR A 264 9.65 -7.65 3.40
CA THR A 264 10.60 -6.65 2.97
C THR A 264 10.21 -6.06 1.62
N PHE A 265 11.00 -5.08 1.19
CA PHE A 265 10.75 -4.33 -0.02
C PHE A 265 12.00 -4.32 -0.89
N GLN A 266 11.77 -3.93 -2.16
CA GLN A 266 12.77 -3.85 -3.21
C GLN A 266 12.62 -2.55 -3.98
N LYS A 267 13.74 -2.04 -4.49
CA LYS A 267 13.70 -0.87 -5.36
C LYS A 267 14.95 -0.87 -6.22
N TRP A 268 14.86 -0.28 -7.41
CA TRP A 268 16.08 -0.02 -8.16
C TRP A 268 15.96 1.28 -8.93
N ALA A 269 17.16 1.83 -9.24
CA ALA A 269 17.32 3.07 -9.97
C ALA A 269 18.33 2.80 -11.07
N ALA A 270 18.03 3.24 -12.29
CA ALA A 270 18.90 2.91 -13.42
C ALA A 270 19.22 4.16 -14.22
N VAL A 271 20.45 4.23 -14.71
CA VAL A 271 20.87 5.26 -15.64
C VAL A 271 21.54 4.61 -16.85
N VAL A 272 21.45 5.27 -18.00
CA VAL A 272 22.10 4.86 -19.23
C VAL A 272 23.39 5.64 -19.35
N VAL A 273 24.51 4.94 -19.40
CA VAL A 273 25.83 5.58 -19.39
C VAL A 273 26.64 5.21 -20.63
N PRO A 274 27.46 6.14 -21.12
CA PRO A 274 28.35 5.81 -22.24
C PRO A 274 29.39 4.78 -21.86
N SER A 275 29.72 3.91 -22.81
CA SER A 275 30.71 2.86 -22.56
C SER A 275 32.02 3.45 -22.07
N GLY A 276 32.54 2.89 -20.99
CA GLY A 276 33.80 3.33 -20.45
C GLY A 276 33.73 4.45 -19.42
N GLU A 277 32.55 5.03 -19.20
CA GLU A 277 32.33 6.14 -18.28
C GLU A 277 31.70 5.69 -16.97
N GLU A 278 31.67 4.38 -16.71
CA GLU A 278 30.93 3.86 -15.57
C GLU A 278 31.45 4.38 -14.25
N GLN A 279 32.76 4.63 -14.13
CA GLN A 279 33.26 5.06 -12.84
C GLN A 279 32.95 6.51 -12.51
N ARG A 280 32.36 7.28 -13.45
CA ARG A 280 31.89 8.60 -13.11
C ARG A 280 30.57 8.60 -12.34
N TYR A 281 29.92 7.45 -12.23
CA TYR A 281 28.59 7.36 -11.65
C TYR A 281 28.61 6.71 -10.28
N THR A 282 27.85 7.28 -9.35
CA THR A 282 27.74 6.76 -8.00
C THR A 282 26.27 6.64 -7.63
N CYS A 283 25.94 5.55 -6.95
CA CYS A 283 24.61 5.35 -6.42
C CYS A 283 24.59 5.68 -4.95
N HIS A 284 23.53 6.31 -4.49
CA HIS A 284 23.46 6.84 -3.13
C HIS A 284 22.19 6.29 -2.47
N VAL A 285 22.33 5.72 -1.27
CA VAL A 285 21.22 5.04 -0.60
C VAL A 285 21.06 5.59 0.81
N GLN A 286 19.82 5.92 1.18
CA GLN A 286 19.52 6.31 2.55
C GLN A 286 18.36 5.47 3.04
N HIS A 287 18.51 4.87 4.22
CA HIS A 287 17.45 4.06 4.81
C HIS A 287 17.63 4.08 6.31
N GLU A 288 16.54 3.97 7.06
CA GLU A 288 16.75 4.10 8.50
C GLU A 288 17.47 2.92 9.13
N GLY A 289 17.61 1.80 8.41
CA GLY A 289 18.42 0.67 8.83
C GLY A 289 19.91 0.85 8.66
N LEU A 290 20.32 1.90 7.99
CA LEU A 290 21.72 2.24 7.75
C LEU A 290 22.19 3.28 8.75
N PRO A 291 23.33 3.05 9.40
CA PRO A 291 23.90 4.09 10.28
C PRO A 291 24.20 5.40 9.56
N LYS A 292 24.68 5.32 8.32
CA LYS A 292 25.06 6.49 7.54
C LYS A 292 24.70 6.21 6.08
N PRO A 293 24.48 7.26 5.28
CA PRO A 293 24.16 7.03 3.87
C PRO A 293 25.28 6.29 3.15
N LEU A 294 24.89 5.41 2.23
CA LEU A 294 25.79 4.53 1.48
C LEU A 294 26.06 5.10 0.10
N THR A 295 27.31 5.01 -0.35
CA THR A 295 27.70 5.31 -1.73
C THR A 295 28.23 4.04 -2.36
N LEU A 296 27.74 3.66 -3.54
CA LEU A 296 28.31 2.50 -4.22
C LEU A 296 28.45 2.79 -5.71
N ARG A 297 29.23 1.93 -6.37
CA ARG A 297 29.48 2.05 -7.80
C ARG A 297 29.55 0.68 -8.43
N TRP A 298 29.58 0.66 -9.76
CA TRP A 298 29.79 -0.56 -10.51
C TRP A 298 31.17 -1.11 -10.18
N GLU A 299 31.22 -2.37 -9.75
CA GLU A 299 32.44 -3.06 -9.38
C GLU A 299 32.68 -4.19 -10.36
N PRO A 300 33.48 -3.97 -11.43
CA PRO A 300 33.74 -5.05 -12.36
C PRO A 300 34.68 -6.12 -11.75
N ILE B 2 -13.27 9.86 -13.15
CA ILE B 2 -11.83 9.79 -13.38
C ILE B 2 -11.27 8.46 -12.87
N GLN B 3 -10.52 7.75 -13.71
CA GLN B 3 -10.00 6.43 -13.36
C GLN B 3 -8.50 6.43 -13.55
N ARG B 4 -7.83 5.46 -12.92
CA ARG B 4 -6.38 5.39 -12.93
CA ARG B 4 -6.37 5.39 -12.94
C ARG B 4 -5.96 3.99 -13.34
N THR B 5 -5.13 3.90 -14.36
CA THR B 5 -4.71 2.61 -14.88
C THR B 5 -3.57 2.01 -14.05
N PRO B 6 -3.53 0.68 -13.92
CA PRO B 6 -2.51 0.06 -13.05
C PRO B 6 -1.09 0.17 -13.59
N LYS B 7 -0.16 0.37 -12.66
CA LYS B 7 1.24 0.07 -12.89
C LYS B 7 1.48 -1.42 -12.63
N ILE B 8 2.43 -2.01 -13.35
CA ILE B 8 2.67 -3.45 -13.29
C ILE B 8 4.18 -3.71 -13.19
N GLN B 9 4.61 -4.44 -12.16
CA GLN B 9 5.98 -4.96 -12.13
C GLN B 9 5.93 -6.46 -11.88
N VAL B 10 6.75 -7.21 -12.64
CA VAL B 10 6.88 -8.65 -12.48
CA VAL B 10 6.88 -8.66 -12.52
C VAL B 10 8.33 -8.96 -12.12
N TYR B 11 8.51 -9.76 -11.08
CA TYR B 11 9.83 -9.91 -10.47
C TYR B 11 9.83 -11.08 -9.50
N SER B 12 11.02 -11.45 -9.02
CA SER B 12 11.15 -12.56 -8.10
C SER B 12 11.43 -12.06 -6.69
N ARG B 13 11.06 -12.89 -5.70
CA ARG B 13 11.29 -12.52 -4.30
C ARG B 13 12.79 -12.41 -4.00
N HIS B 14 13.58 -13.30 -4.58
CA HIS B 14 15.03 -13.36 -4.46
C HIS B 14 15.67 -13.30 -5.83
N PRO B 15 16.95 -12.92 -5.92
CA PRO B 15 17.63 -12.95 -7.22
C PRO B 15 17.54 -14.35 -7.83
N ALA B 16 17.17 -14.39 -9.10
CA ALA B 16 16.88 -15.66 -9.74
C ALA B 16 18.15 -16.46 -9.96
N GLU B 17 18.09 -17.73 -9.59
CA GLU B 17 19.13 -18.71 -9.92
C GLU B 17 18.42 -19.92 -10.52
N ASN B 18 18.76 -20.27 -11.76
CA ASN B 18 18.12 -21.39 -12.42
C ASN B 18 18.24 -22.65 -11.57
N GLY B 19 17.12 -23.36 -11.43
CA GLY B 19 17.09 -24.58 -10.65
C GLY B 19 16.76 -24.41 -9.18
N LYS B 20 16.79 -23.19 -8.65
CA LYS B 20 16.54 -22.95 -7.23
C LYS B 20 15.14 -22.39 -7.03
N SER B 21 14.41 -22.96 -6.08
CA SER B 21 13.03 -22.55 -5.86
C SER B 21 12.98 -21.09 -5.40
N ASN B 22 11.93 -20.40 -5.84
CA ASN B 22 11.81 -18.96 -5.67
C ASN B 22 10.32 -18.64 -5.63
N PHE B 23 10.00 -17.35 -5.64
CA PHE B 23 8.61 -16.87 -5.74
C PHE B 23 8.51 -15.87 -6.87
N LEU B 24 7.51 -16.03 -7.72
CA LEU B 24 7.22 -15.10 -8.80
C LEU B 24 6.16 -14.12 -8.35
N ASN B 25 6.43 -12.82 -8.49
CA ASN B 25 5.55 -11.76 -8.02
C ASN B 25 5.02 -10.94 -9.18
N CYS B 26 3.74 -10.57 -9.12
CA CYS B 26 3.20 -9.53 -9.99
C CYS B 26 2.56 -8.49 -9.08
N TYR B 27 3.14 -7.30 -9.06
CA TYR B 27 2.68 -6.21 -8.22
C TYR B 27 1.93 -5.23 -9.09
N VAL B 28 0.64 -5.04 -8.82
CA VAL B 28 -0.19 -4.09 -9.56
C VAL B 28 -0.52 -2.98 -8.59
N SER B 29 -0.38 -1.74 -9.05
CA SER B 29 -0.52 -0.64 -8.10
C SER B 29 -0.99 0.61 -8.84
N GLY B 30 -1.40 1.60 -8.05
CA GLY B 30 -1.74 2.88 -8.65
C GLY B 30 -3.06 2.93 -9.38
N PHE B 31 -3.94 1.94 -9.18
CA PHE B 31 -5.16 1.86 -10.00
C PHE B 31 -6.39 2.25 -9.21
N HIS B 32 -7.40 2.71 -9.93
CA HIS B 32 -8.69 3.07 -9.34
C HIS B 32 -9.70 3.00 -10.47
N PRO B 33 -10.84 2.32 -10.31
CA PRO B 33 -11.39 1.66 -9.13
C PRO B 33 -10.68 0.34 -8.83
N SER B 34 -11.16 -0.40 -7.83
CA SER B 34 -10.38 -1.50 -7.26
C SER B 34 -10.55 -2.83 -8.01
N ASP B 35 -11.61 -3.00 -8.79
CA ASP B 35 -11.75 -4.27 -9.51
C ASP B 35 -10.59 -4.46 -10.47
N ILE B 36 -9.97 -5.64 -10.43
CA ILE B 36 -8.82 -5.90 -11.29
C ILE B 36 -8.70 -7.41 -11.48
N GLU B 37 -8.22 -7.82 -12.66
CA GLU B 37 -8.03 -9.23 -12.96
C GLU B 37 -6.54 -9.48 -13.24
N VAL B 38 -5.94 -10.42 -12.53
CA VAL B 38 -4.52 -10.69 -12.64
C VAL B 38 -4.29 -12.19 -12.77
N ASP B 39 -3.56 -12.60 -13.81
CA ASP B 39 -3.09 -13.97 -14.02
C ASP B 39 -1.57 -13.99 -14.09
N LEU B 40 -0.98 -15.02 -13.53
CA LEU B 40 0.44 -15.34 -13.78
C LEU B 40 0.48 -16.45 -14.83
N LEU B 41 1.38 -16.30 -15.82
CA LEU B 41 1.50 -17.23 -16.94
C LEU B 41 2.85 -17.94 -16.94
N LYS B 42 2.83 -19.22 -17.31
CA LYS B 42 4.04 -20.00 -17.57
C LYS B 42 3.93 -20.53 -18.99
N ASN B 43 4.82 -20.06 -19.85
CA ASN B 43 4.79 -20.40 -21.28
C ASN B 43 3.41 -20.15 -21.88
N GLY B 44 2.78 -19.05 -21.49
CA GLY B 44 1.54 -18.62 -22.07
C GLY B 44 0.29 -19.13 -21.40
N GLU B 45 0.41 -20.10 -20.49
CA GLU B 45 -0.72 -20.76 -19.84
C GLU B 45 -0.88 -20.27 -18.40
N ARG B 46 -2.14 -20.16 -17.96
CA ARG B 46 -2.43 -19.65 -16.64
C ARG B 46 -1.98 -20.63 -15.57
N ILE B 47 -1.25 -20.11 -14.58
CA ILE B 47 -0.85 -20.86 -13.40
C ILE B 47 -2.01 -20.91 -12.41
N GLU B 48 -2.34 -22.10 -11.92
CA GLU B 48 -3.45 -22.27 -10.99
C GLU B 48 -3.02 -21.97 -9.55
N LYS B 49 -4.01 -21.62 -8.73
CA LYS B 49 -3.88 -21.47 -7.27
CA LYS B 49 -3.89 -21.46 -7.28
C LYS B 49 -2.91 -20.34 -6.89
N VAL B 50 -2.70 -19.37 -7.77
CA VAL B 50 -1.93 -18.17 -7.41
C VAL B 50 -2.63 -17.46 -6.26
N GLU B 51 -1.85 -17.04 -5.26
CA GLU B 51 -2.38 -16.34 -4.10
C GLU B 51 -2.16 -14.84 -4.25
N HIS B 52 -2.85 -14.06 -3.42
CA HIS B 52 -2.69 -12.61 -3.49
C HIS B 52 -2.88 -11.98 -2.13
N SER B 53 -2.26 -10.83 -1.94
CA SER B 53 -2.39 -10.09 -0.70
C SER B 53 -3.80 -9.49 -0.57
N ASP B 54 -4.10 -8.99 0.62
CA ASP B 54 -5.36 -8.32 0.85
C ASP B 54 -5.35 -6.95 0.21
N LEU B 55 -6.46 -6.56 -0.42
CA LEU B 55 -6.54 -5.25 -1.04
C LEU B 55 -6.22 -4.13 -0.06
N SER B 56 -5.32 -3.20 -0.44
N SER B 56 -5.34 -3.22 -0.50
CA SER B 56 -5.22 -1.98 0.34
CA SER B 56 -4.89 -2.07 0.29
C SER B 56 -4.87 -0.85 -0.61
C SER B 56 -4.83 -0.86 -0.63
N PHE B 57 -4.61 0.32 -0.05
CA PHE B 57 -4.44 1.51 -0.88
C PHE B 57 -3.39 2.44 -0.31
N SER B 58 -2.89 3.31 -1.18
CA SER B 58 -1.78 4.20 -0.89
C SER B 58 -2.29 5.57 -0.45
N LYS B 59 -1.34 6.46 -0.09
CA LYS B 59 -1.72 7.80 0.35
C LYS B 59 -2.53 8.56 -0.69
N ASP B 60 -2.28 8.33 -1.99
CA ASP B 60 -3.07 9.01 -3.00
C ASP B 60 -4.38 8.29 -3.33
N TRP B 61 -4.78 7.32 -2.49
CA TRP B 61 -6.05 6.58 -2.56
C TRP B 61 -6.06 5.49 -3.64
N SER B 62 -5.00 5.34 -4.43
CA SER B 62 -4.97 4.31 -5.44
C SER B 62 -4.68 2.96 -4.77
N PHE B 63 -5.22 1.90 -5.38
CA PHE B 63 -5.15 0.56 -4.82
C PHE B 63 -3.91 -0.18 -5.25
N TYR B 64 -3.53 -1.18 -4.46
CA TYR B 64 -2.44 -2.08 -4.86
C TYR B 64 -2.67 -3.50 -4.35
N LEU B 65 -2.13 -4.47 -5.11
CA LEU B 65 -2.20 -5.90 -4.83
C LEU B 65 -0.91 -6.59 -5.26
N LEU B 66 -0.51 -7.61 -4.48
CA LEU B 66 0.57 -8.52 -4.88
C LEU B 66 0.00 -9.90 -5.16
N TYR B 67 0.21 -10.40 -6.38
CA TYR B 67 -0.06 -11.78 -6.78
C TYR B 67 1.26 -12.55 -6.81
N TYR B 68 1.25 -13.77 -6.26
CA TYR B 68 2.52 -14.49 -6.17
C TYR B 68 2.32 -16.00 -6.21
N THR B 69 3.37 -16.69 -6.64
CA THR B 69 3.33 -18.14 -6.68
C THR B 69 4.76 -18.68 -6.59
N GLU B 70 4.90 -19.89 -6.03
CA GLU B 70 6.20 -20.55 -6.04
C GLU B 70 6.58 -20.94 -7.46
N PHE B 71 7.85 -20.76 -7.81
CA PHE B 71 8.33 -21.25 -9.10
C PHE B 71 9.81 -21.52 -9.02
N THR B 72 10.28 -22.35 -9.94
CA THR B 72 11.71 -22.65 -10.07
C THR B 72 12.18 -22.16 -11.43
N PRO B 73 12.85 -21.02 -11.51
CA PRO B 73 13.23 -20.49 -12.83
C PRO B 73 14.20 -21.42 -13.53
N THR B 74 14.10 -21.45 -14.86
CA THR B 74 15.03 -22.16 -15.74
C THR B 74 15.50 -21.20 -16.82
N GLU B 75 16.42 -21.66 -17.67
CA GLU B 75 16.93 -20.80 -18.73
C GLU B 75 15.87 -20.56 -19.80
N LYS B 76 14.97 -21.52 -20.04
CA LYS B 76 14.09 -21.47 -21.19
C LYS B 76 12.62 -21.17 -20.86
N ASP B 77 12.14 -21.50 -19.66
CA ASP B 77 10.73 -21.25 -19.35
C ASP B 77 10.45 -19.75 -19.29
N GLU B 78 9.31 -19.35 -19.85
CA GLU B 78 8.91 -17.94 -19.92
C GLU B 78 7.77 -17.68 -18.94
N TYR B 79 7.90 -16.60 -18.17
CA TYR B 79 6.86 -16.23 -17.22
C TYR B 79 6.41 -14.81 -17.51
N ALA B 80 5.14 -14.52 -17.15
CA ALA B 80 4.55 -13.21 -17.43
C ALA B 80 3.38 -13.01 -16.49
N CYS B 81 2.91 -11.78 -16.41
CA CYS B 81 1.70 -11.43 -15.68
CA CYS B 81 1.62 -11.61 -15.77
C CYS B 81 0.73 -10.78 -16.66
N ARG B 82 -0.55 -11.14 -16.60
CA ARG B 82 -1.57 -10.61 -17.51
C ARG B 82 -2.61 -9.90 -16.68
N VAL B 83 -2.86 -8.63 -16.98
CA VAL B 83 -3.66 -7.76 -16.12
C VAL B 83 -4.81 -7.16 -16.93
N ASN B 84 -6.00 -7.18 -16.37
CA ASN B 84 -7.10 -6.44 -16.98
C ASN B 84 -7.75 -5.54 -15.94
N HIS B 85 -8.28 -4.42 -16.42
CA HIS B 85 -8.83 -3.35 -15.60
C HIS B 85 -9.78 -2.56 -16.48
N VAL B 86 -10.71 -1.85 -15.86
CA VAL B 86 -11.69 -1.08 -16.65
C VAL B 86 -11.00 -0.07 -17.56
N THR B 87 -9.80 0.39 -17.21
CA THR B 87 -9.07 1.36 -18.02
C THR B 87 -8.35 0.76 -19.22
N LEU B 88 -8.35 -0.55 -19.37
CA LEU B 88 -7.58 -1.22 -20.42
C LEU B 88 -8.53 -1.81 -21.46
N SER B 89 -8.25 -1.54 -22.73
CA SER B 89 -9.05 -2.10 -23.82
C SER B 89 -8.92 -3.61 -23.84
N GLN B 90 -7.69 -4.09 -23.78
CA GLN B 90 -7.33 -5.50 -23.81
C GLN B 90 -6.44 -5.78 -22.61
N PRO B 91 -6.36 -7.03 -22.18
CA PRO B 91 -5.41 -7.35 -21.09
C PRO B 91 -3.99 -6.98 -21.50
N LYS B 92 -3.23 -6.49 -20.52
CA LYS B 92 -1.83 -6.13 -20.72
C LYS B 92 -0.95 -7.23 -20.15
N ILE B 93 0.01 -7.72 -20.95
CA ILE B 93 0.91 -8.79 -20.53
C ILE B 93 2.30 -8.19 -20.37
N VAL B 94 2.89 -8.39 -19.19
CA VAL B 94 4.26 -7.96 -18.91
C VAL B 94 5.09 -9.22 -18.64
N LYS B 95 6.19 -9.36 -19.38
CA LYS B 95 7.04 -10.53 -19.26
C LYS B 95 8.03 -10.41 -18.10
N TRP B 96 8.34 -11.54 -17.48
CA TRP B 96 9.32 -11.55 -16.41
C TRP B 96 10.73 -11.49 -16.99
N ASP B 97 11.52 -10.56 -16.46
CA ASP B 97 12.91 -10.40 -16.84
C ASP B 97 13.71 -10.33 -15.55
N ARG B 98 14.58 -11.30 -15.33
CA ARG B 98 15.23 -11.43 -14.04
C ARG B 98 16.16 -10.27 -13.73
N ASP B 99 16.48 -9.46 -14.73
CA ASP B 99 17.33 -8.30 -14.49
C ASP B 99 16.56 -7.06 -14.06
N MET B 100 15.24 -7.14 -13.91
CA MET B 100 14.44 -5.99 -13.54
C MET B 100 13.49 -6.28 -12.35
N SER C 1 -6.32 -0.66 17.96
CA SER C 1 -7.75 -0.94 18.14
C SER C 1 -8.59 0.13 17.43
N VAL C 2 -9.66 -0.28 16.71
CA VAL C 2 -10.42 0.68 15.89
C VAL C 2 -11.16 1.69 16.78
N LEU C 3 -11.44 2.84 16.17
CA LEU C 3 -12.27 3.86 16.76
C LEU C 3 -13.72 3.44 16.74
N ASN C 4 -14.42 3.68 17.86
CA ASN C 4 -15.88 3.52 17.91
C ASN C 4 -16.48 4.89 17.63
N ASP C 5 -16.84 5.13 16.36
CA ASP C 5 -17.36 6.44 15.94
C ASP C 5 -18.74 6.68 16.51
N ILE C 6 -18.90 7.84 17.15
CA ILE C 6 -20.23 8.24 17.60
C ILE C 6 -21.06 8.77 16.43
N PHE C 7 -20.40 9.44 15.48
CA PHE C 7 -21.09 9.96 14.30
C PHE C 7 -20.08 9.93 13.17
N SER C 8 -20.43 9.22 12.12
CA SER C 8 -19.56 9.17 10.95
C SER C 8 -20.38 9.11 9.69
N ARG C 9 -21.62 9.63 9.76
CA ARG C 9 -22.45 9.66 8.58
C ARG C 9 -22.06 10.86 7.72
N LEU C 10 -21.94 10.62 6.42
CA LEU C 10 -21.72 11.72 5.48
C LEU C 10 -22.90 12.68 5.48
#